data_1HX0
#
_entry.id   1HX0
#
_cell.length_a   69.280
_cell.length_b   113.550
_cell.length_c   117.160
_cell.angle_alpha   90.00
_cell.angle_beta   90.00
_cell.angle_gamma   90.00
#
_symmetry.space_group_name_H-M   'P 21 21 21'
#
loop_
_entity.id
_entity.type
_entity.pdbx_description
1 polymer 'ALPHA AMYLASE (PPA)'
2 branched 4,6-dideoxy-4-{[(1S,4R,5S,6S)-4,5,6-trihydroxy-3-(hydroxymethyl)cyclohex-2-en-1-yl]amino}-alpha-D-glucopyranose-(1-4)-alpha-D-glucopyranose-(1-4)-4,6-dideoxy-4-{[(1S,4R,5S,6S)-4,5,6-trihydroxy-3-(hydroxymethyl)cyclohex-2-en-1-yl]amino}-alpha-D-glucopyranose-(1-4)-alpha-D-glucopyranose
3 branched alpha-D-glucopyranose-(1-4)-alpha-D-glucopyranose
4 non-polymer 'CHLORIDE ION'
5 non-polymer 'CALCIUM ION'
6 non-polymer 1,2-ETHANEDIOL
7 water water
#
_entity_poly.entity_id   1
_entity_poly.type   'polypeptide(L)'
_entity_poly.pdbx_seq_one_letter_code
;(PCA)YAPQTQSGRTSIVHLFEWRWVDIALECERYLGPKGFGGVQVSPPNENIVVTNPSRPWWERYQPVSYKLCTRSGNE
NEFRDMVTRCNNVGVRIYVDAVINHMCGSGAAAGTGTTCGSYCNPGNREFPAVPYSAWDFNDGKCKTASGGIESYNDPYQ
VRDCQLVGLLDLALEKDYVRSMIADYLNKLIDIGVAGFRIDASKHMWPGDIKAVLDKLHNLNTNWFPAGSRPFIFQEVID
LGGEAIKSSEYFGNGRVTEFKYGAKLGTVVRKWSGEKMSYLKNWGEGWGFMPSDRALVFVDNHDNQRGHGAGGSSILTFW
DARLYKIAVGFMLAHPYGFTRVMSSYRWARNFVNGEDVNDWIGPPNNNGVIKEVTINADTTCGNDWVCEHRWREIRNMVW
FRNVVDGQPFANWWDNGSNQVAFGRGNRGFIVFNNDDWQLSSTLQTGLPGGTYCDVISGDKVGNSCTGIKVYVSSDGTAQ
FSISNSAEDPFIAIHAESKL
;
_entity_poly.pdbx_strand_id   A
#
# COMPACT_ATOMS: atom_id res chain seq x y z
N TYR A 2 14.35 7.86 0.10
CA TYR A 2 14.08 6.65 -0.65
C TYR A 2 14.19 5.38 0.19
N ALA A 3 14.94 5.44 1.26
CA ALA A 3 15.20 4.30 2.13
C ALA A 3 13.96 4.10 3.02
N PRO A 4 13.43 2.89 3.11
CA PRO A 4 12.24 2.67 3.92
C PRO A 4 12.42 2.85 5.40
N GLN A 5 13.62 2.74 5.91
CA GLN A 5 13.93 2.89 7.33
C GLN A 5 13.30 1.80 8.18
N THR A 6 12.99 0.65 7.57
CA THR A 6 12.66 -0.54 8.31
C THR A 6 13.93 -1.08 8.98
N GLN A 7 13.70 -1.95 9.96
N GLN A 7 13.71 -1.94 9.98
N GLN A 7 13.79 -1.95 9.98
CA GLN A 7 14.79 -2.71 10.49
CA GLN A 7 14.90 -2.56 10.55
CA GLN A 7 14.87 -2.58 10.72
C GLN A 7 15.52 -3.43 9.35
C GLN A 7 15.50 -3.48 9.49
C GLN A 7 15.55 -3.67 9.87
N SER A 8 16.82 -3.52 9.54
CA SER A 8 17.60 -4.20 8.54
C SER A 8 17.07 -5.59 8.33
N GLY A 9 16.86 -5.88 7.06
CA GLY A 9 16.47 -7.24 6.77
C GLY A 9 14.97 -7.34 6.63
N ARG A 10 14.17 -6.35 7.00
CA ARG A 10 12.74 -6.37 6.82
C ARG A 10 12.34 -5.56 5.59
N THR A 11 11.60 -6.20 4.69
CA THR A 11 11.50 -5.75 3.32
C THR A 11 10.10 -5.41 2.80
N SER A 12 9.08 -5.44 3.67
CA SER A 12 7.74 -5.10 3.26
C SER A 12 7.03 -4.26 4.32
N ILE A 13 6.00 -3.56 3.84
CA ILE A 13 5.03 -2.90 4.69
C ILE A 13 3.64 -3.48 4.42
N VAL A 14 2.77 -3.41 5.42
CA VAL A 14 1.39 -3.78 5.26
C VAL A 14 0.48 -2.59 5.50
N HIS A 15 -0.53 -2.41 4.62
CA HIS A 15 -1.54 -1.41 4.85
C HIS A 15 -2.66 -1.97 5.73
N LEU A 16 -2.71 -1.58 6.98
CA LEU A 16 -3.79 -2.02 7.84
C LEU A 16 -4.92 -0.99 7.75
N PHE A 17 -5.62 -1.09 6.64
CA PHE A 17 -6.61 -0.11 6.20
C PHE A 17 -7.76 0.00 7.17
N GLU A 18 -7.97 1.18 7.73
CA GLU A 18 -9.02 1.51 8.64
C GLU A 18 -8.94 0.82 10.01
N TRP A 19 -7.82 0.17 10.31
CA TRP A 19 -7.69 -0.41 11.64
C TRP A 19 -7.57 0.69 12.71
N ARG A 20 -8.05 0.34 13.91
CA ARG A 20 -7.90 1.15 15.07
C ARG A 20 -6.48 1.08 15.63
N TRP A 21 -6.03 2.15 16.26
CA TRP A 21 -4.63 2.21 16.74
C TRP A 21 -4.37 1.10 17.75
N VAL A 22 -5.28 0.82 18.68
CA VAL A 22 -4.98 -0.23 19.68
C VAL A 22 -4.85 -1.60 19.04
N ASP A 23 -5.59 -1.84 17.97
CA ASP A 23 -5.48 -3.12 17.28
C ASP A 23 -4.18 -3.23 16.54
N ILE A 24 -3.73 -2.13 15.95
CA ILE A 24 -2.43 -2.20 15.28
C ILE A 24 -1.33 -2.45 16.29
N ALA A 25 -1.40 -1.76 17.44
CA ALA A 25 -0.38 -1.96 18.47
C ALA A 25 -0.29 -3.41 18.88
N LEU A 26 -1.46 -4.04 19.13
CA LEU A 26 -1.49 -5.43 19.50
C LEU A 26 -0.97 -6.29 18.37
N GLU A 27 -1.35 -5.96 17.14
CA GLU A 27 -0.90 -6.77 15.98
C GLU A 27 0.59 -6.72 15.79
N CYS A 28 1.20 -5.56 16.04
CA CYS A 28 2.66 -5.48 16.01
C CYS A 28 3.30 -6.49 16.96
N GLU A 29 2.80 -6.51 18.18
CA GLU A 29 3.38 -7.30 19.24
C GLU A 29 3.17 -8.78 19.02
N ARG A 30 1.96 -9.16 18.63
CA ARG A 30 1.61 -10.59 18.59
C ARG A 30 1.94 -11.24 17.24
N TYR A 31 2.17 -10.43 16.19
CA TYR A 31 2.24 -10.98 14.84
C TYR A 31 3.28 -10.28 13.98
N LEU A 32 3.14 -8.97 13.75
CA LEU A 32 3.99 -8.40 12.71
C LEU A 32 5.46 -8.39 13.08
N GLY A 33 5.75 -8.17 14.36
CA GLY A 33 7.13 -8.20 14.81
C GLY A 33 7.74 -9.56 14.61
N PRO A 34 7.14 -10.57 15.25
CA PRO A 34 7.62 -11.95 15.11
C PRO A 34 7.67 -12.49 13.68
N LYS A 35 6.75 -12.06 12.84
CA LYS A 35 6.72 -12.59 11.47
C LYS A 35 7.51 -11.75 10.49
N GLY A 36 8.30 -10.79 10.93
CA GLY A 36 9.27 -10.16 10.08
C GLY A 36 8.76 -9.05 9.17
N PHE A 37 7.58 -8.51 9.46
CA PHE A 37 7.05 -7.42 8.67
C PHE A 37 7.81 -6.14 8.99
N GLY A 38 8.10 -5.32 7.98
CA GLY A 38 8.83 -4.11 8.22
C GLY A 38 8.08 -2.96 8.81
N GLY A 39 6.79 -2.86 8.54
CA GLY A 39 6.04 -1.71 8.98
C GLY A 39 4.60 -1.75 8.56
N VAL A 40 3.87 -0.76 8.98
CA VAL A 40 2.45 -0.59 8.78
C VAL A 40 2.15 0.79 8.20
N GLN A 41 1.42 0.80 7.09
CA GLN A 41 0.80 2.01 6.61
C GLN A 41 -0.54 2.18 7.33
N VAL A 42 -0.73 3.30 8.02
CA VAL A 42 -1.97 3.55 8.72
C VAL A 42 -2.84 4.51 7.92
N SER A 43 -4.17 4.40 8.19
CA SER A 43 -5.11 5.40 7.64
C SER A 43 -4.82 6.79 8.20
N PRO A 44 -5.31 7.81 7.51
CA PRO A 44 -5.04 9.20 7.95
C PRO A 44 -5.36 9.40 9.41
N PRO A 45 -4.41 9.89 10.21
CA PRO A 45 -4.66 10.03 11.65
C PRO A 45 -5.18 11.38 12.07
N ASN A 46 -5.36 12.26 11.10
CA ASN A 46 -5.87 13.60 11.36
C ASN A 46 -7.39 13.66 11.28
N GLU A 47 -7.97 14.61 12.03
CA GLU A 47 -9.41 14.78 12.09
C GLU A 47 -10.05 15.02 10.75
N ASN A 48 -11.17 14.35 10.51
CA ASN A 48 -11.88 14.47 9.25
C ASN A 48 -13.31 14.87 9.46
N ILE A 49 -13.99 15.25 8.37
CA ILE A 49 -15.41 15.54 8.47
C ILE A 49 -16.16 14.23 8.53
N VAL A 50 -17.27 14.25 9.26
CA VAL A 50 -18.20 13.13 9.32
C VAL A 50 -19.11 13.21 8.09
N VAL A 51 -19.21 12.12 7.36
CA VAL A 51 -20.12 12.01 6.23
C VAL A 51 -21.25 11.08 6.64
N THR A 52 -22.47 11.63 6.57
CA THR A 52 -23.65 10.87 6.95
C THR A 52 -24.45 10.33 5.78
N ASN A 53 -24.19 10.83 4.58
CA ASN A 53 -24.85 10.36 3.37
C ASN A 53 -23.76 10.10 2.34
N PRO A 54 -23.33 8.85 2.12
CA PRO A 54 -23.80 7.62 2.79
C PRO A 54 -23.19 7.56 4.18
N SER A 55 -23.54 6.50 4.91
N SER A 55 -23.54 6.55 4.97
CA SER A 55 -23.20 6.50 6.33
CA SER A 55 -23.26 6.55 6.39
C SER A 55 -21.77 6.08 6.61
C SER A 55 -21.84 6.11 6.72
N ARG A 56 -20.96 7.05 7.00
CA ARG A 56 -19.55 6.81 7.38
C ARG A 56 -18.78 5.98 6.40
N PRO A 57 -18.63 6.49 5.17
CA PRO A 57 -17.87 5.78 4.15
C PRO A 57 -16.40 5.81 4.52
N TRP A 58 -15.64 4.88 3.95
CA TRP A 58 -14.19 4.94 4.20
C TRP A 58 -13.58 6.26 3.81
N TRP A 59 -14.14 6.81 2.73
CA TRP A 59 -13.50 7.98 2.15
C TRP A 59 -13.73 9.27 2.88
N GLU A 60 -14.52 9.28 3.96
CA GLU A 60 -14.58 10.50 4.74
C GLU A 60 -13.18 10.87 5.30
N ARG A 61 -12.30 9.86 5.46
CA ARG A 61 -10.98 10.13 6.02
C ARG A 61 -10.06 10.87 5.08
N TYR A 62 -10.48 11.05 3.83
CA TYR A 62 -9.70 11.89 2.89
C TYR A 62 -10.24 13.29 2.78
N GLN A 63 -11.04 13.71 3.78
CA GLN A 63 -11.60 15.05 3.92
C GLN A 63 -11.20 15.70 5.25
N PRO A 64 -9.97 16.18 5.33
CA PRO A 64 -9.48 16.74 6.58
C PRO A 64 -10.25 17.99 7.03
N VAL A 65 -10.36 18.16 8.34
CA VAL A 65 -10.85 19.42 8.91
C VAL A 65 -9.87 20.02 9.92
N SER A 66 -8.89 19.28 10.38
CA SER A 66 -7.83 19.86 11.21
C SER A 66 -6.70 18.83 11.16
N TYR A 67 -5.60 19.19 11.84
CA TYR A 67 -4.48 18.25 12.00
C TYR A 67 -4.45 17.63 13.40
N LYS A 68 -5.50 17.73 14.20
CA LYS A 68 -5.64 17.04 15.46
C LYS A 68 -5.65 15.54 15.21
N LEU A 69 -4.97 14.79 16.08
CA LEU A 69 -4.90 13.35 15.85
C LEU A 69 -6.04 12.59 16.50
N CYS A 70 -7.21 12.71 15.89
N CYS A 70 -7.24 12.83 15.98
CA CYS A 70 -8.44 12.24 16.53
CA CYS A 70 -8.44 12.24 16.56
C CYS A 70 -9.44 11.83 15.48
C CYS A 70 -9.41 11.83 15.47
N THR A 71 -9.56 10.51 15.35
CA THR A 71 -10.29 9.85 14.27
C THR A 71 -11.06 8.65 14.79
N ARG A 72 -11.78 7.97 13.91
CA ARG A 72 -12.41 6.73 14.34
C ARG A 72 -11.38 5.67 14.67
N SER A 73 -10.11 5.80 14.30
CA SER A 73 -9.11 4.84 14.72
C SER A 73 -8.63 5.06 16.15
N GLY A 74 -8.84 6.26 16.70
CA GLY A 74 -8.45 6.60 18.04
C GLY A 74 -7.93 8.02 18.18
N ASN A 75 -7.60 8.35 19.43
CA ASN A 75 -7.15 9.69 19.77
C ASN A 75 -5.62 9.73 19.82
N GLU A 76 -5.07 10.87 20.24
CA GLU A 76 -3.62 11.09 20.16
C GLU A 76 -2.87 10.17 21.10
N ASN A 77 -3.46 9.95 22.28
CA ASN A 77 -2.83 9.04 23.23
C ASN A 77 -2.75 7.62 22.65
N GLU A 78 -3.84 7.18 22.01
CA GLU A 78 -3.82 5.85 21.44
C GLU A 78 -2.85 5.78 20.28
N PHE A 79 -2.75 6.85 19.51
CA PHE A 79 -1.82 6.86 18.37
C PHE A 79 -0.39 6.78 18.86
N ARG A 80 -0.05 7.61 19.86
CA ARG A 80 1.30 7.57 20.43
C ARG A 80 1.66 6.19 20.98
N ASP A 81 0.69 5.58 21.70
CA ASP A 81 0.88 4.25 22.26
C ASP A 81 1.19 3.22 21.17
N MET A 82 0.45 3.32 20.06
CA MET A 82 0.69 2.46 18.93
C MET A 82 2.09 2.64 18.36
N VAL A 83 2.49 3.89 18.12
CA VAL A 83 3.76 4.11 17.49
C VAL A 83 4.91 3.59 18.37
N THR A 84 4.79 3.86 19.70
CA THR A 84 5.76 3.40 20.69
C THR A 84 5.85 1.88 20.70
N ARG A 85 4.69 1.20 20.77
CA ARG A 85 4.67 -0.25 20.91
C ARG A 85 5.17 -0.95 19.67
N CYS A 86 4.82 -0.42 18.50
CA CYS A 86 5.24 -1.00 17.23
C CYS A 86 6.74 -0.79 17.07
N ASN A 87 7.23 0.43 17.28
CA ASN A 87 8.68 0.64 17.14
C ASN A 87 9.45 -0.24 18.09
N ASN A 88 8.87 -0.46 19.28
CA ASN A 88 9.59 -1.26 20.29
C ASN A 88 9.75 -2.73 19.93
N VAL A 89 8.97 -3.22 18.98
CA VAL A 89 9.18 -4.58 18.46
C VAL A 89 9.66 -4.54 17.03
N GLY A 90 10.21 -3.41 16.59
CA GLY A 90 10.86 -3.35 15.29
C GLY A 90 9.98 -3.22 14.09
N VAL A 91 8.76 -2.75 14.29
CA VAL A 91 7.79 -2.53 13.22
C VAL A 91 7.51 -1.03 13.11
N ARG A 92 7.79 -0.48 11.93
CA ARG A 92 7.66 0.95 11.73
C ARG A 92 6.25 1.35 11.36
N ILE A 93 5.92 2.62 11.53
CA ILE A 93 4.64 3.23 11.22
C ILE A 93 4.82 4.29 10.15
N TYR A 94 4.05 4.20 9.07
CA TYR A 94 4.04 5.11 7.94
C TYR A 94 2.62 5.72 7.86
N VAL A 95 2.57 7.06 7.86
CA VAL A 95 1.29 7.76 7.89
C VAL A 95 0.83 8.16 6.51
N ASP A 96 -0.44 7.94 6.23
CA ASP A 96 -1.12 8.50 5.04
C ASP A 96 -1.41 9.97 5.27
N ALA A 97 -0.60 10.80 4.64
CA ALA A 97 -0.61 12.25 4.78
C ALA A 97 -1.51 12.91 3.75
N VAL A 98 -2.63 13.46 4.22
CA VAL A 98 -3.64 14.08 3.36
C VAL A 98 -3.42 15.61 3.47
N ILE A 99 -2.67 16.10 2.48
CA ILE A 99 -2.11 17.44 2.55
C ILE A 99 -2.46 18.31 1.35
N ASN A 100 -3.06 17.77 0.30
CA ASN A 100 -3.41 18.54 -0.88
C ASN A 100 -4.63 19.42 -0.65
N HIS A 101 -5.47 19.00 0.28
CA HIS A 101 -6.80 19.56 0.38
C HIS A 101 -7.35 19.45 1.79
N MET A 102 -8.44 20.17 1.99
CA MET A 102 -9.30 19.96 3.18
C MET A 102 -10.56 19.21 2.71
N CYS A 103 -11.69 19.46 3.35
CA CYS A 103 -12.89 18.73 3.00
C CYS A 103 -13.58 19.28 1.78
N GLY A 104 -14.72 18.62 1.46
CA GLY A 104 -15.53 18.98 0.30
C GLY A 104 -15.98 20.42 0.39
N SER A 105 -15.85 21.12 -0.73
CA SER A 105 -16.24 22.52 -0.81
C SER A 105 -17.74 22.72 -0.62
N GLY A 106 -18.53 21.67 -0.81
CA GLY A 106 -19.98 21.80 -0.70
C GLY A 106 -20.47 21.35 0.66
N ALA A 107 -19.55 21.05 1.58
CA ALA A 107 -19.97 20.51 2.88
C ALA A 107 -20.59 21.58 3.76
N ALA A 108 -21.45 21.19 4.66
CA ALA A 108 -22.09 22.07 5.63
C ALA A 108 -21.12 22.51 6.72
N ALA A 109 -21.42 23.65 7.31
CA ALA A 109 -20.67 24.20 8.42
C ALA A 109 -21.16 23.60 9.73
N GLY A 110 -20.22 23.46 10.66
CA GLY A 110 -20.59 22.96 11.96
C GLY A 110 -19.48 22.14 12.60
N THR A 111 -19.86 21.34 13.60
CA THR A 111 -18.92 20.55 14.37
C THR A 111 -19.17 19.04 14.15
N GLY A 112 -19.75 18.66 13.01
CA GLY A 112 -19.84 17.29 12.54
C GLY A 112 -18.53 16.75 11.96
N THR A 113 -17.62 16.56 12.91
CA THR A 113 -16.21 16.23 12.67
C THR A 113 -15.77 15.21 13.71
N THR A 114 -14.65 14.53 13.44
CA THR A 114 -14.32 13.40 14.32
C THR A 114 -13.75 13.80 15.66
N CYS A 115 -13.35 15.03 15.85
CA CYS A 115 -12.96 15.52 17.18
C CYS A 115 -13.84 16.64 17.66
N GLY A 116 -14.83 17.03 16.85
CA GLY A 116 -15.68 18.14 17.29
C GLY A 116 -15.21 19.53 16.98
N SER A 117 -14.16 19.63 16.18
CA SER A 117 -13.76 20.96 15.70
C SER A 117 -14.80 21.55 14.78
N TYR A 118 -14.82 22.87 14.78
CA TYR A 118 -15.68 23.60 13.86
C TYR A 118 -15.01 23.77 12.51
N CYS A 119 -15.86 23.72 11.49
CA CYS A 119 -15.36 24.22 10.21
C CYS A 119 -16.53 24.84 9.46
N ASN A 120 -16.20 25.70 8.49
CA ASN A 120 -17.20 26.35 7.62
C ASN A 120 -16.62 26.26 6.20
N PRO A 121 -16.86 25.13 5.57
CA PRO A 121 -16.32 24.91 4.23
C PRO A 121 -16.69 25.97 3.23
N GLY A 122 -17.89 26.48 3.22
CA GLY A 122 -18.37 27.48 2.26
C GLY A 122 -17.61 28.77 2.40
N ASN A 123 -17.12 29.02 3.62
CA ASN A 123 -16.37 30.23 3.86
C ASN A 123 -14.87 29.95 3.97
N ARG A 124 -14.49 28.70 3.74
CA ARG A 124 -13.10 28.22 3.78
C ARG A 124 -12.43 28.48 5.12
N GLU A 125 -13.21 28.27 6.19
CA GLU A 125 -12.74 28.52 7.55
C GLU A 125 -12.48 27.20 8.27
N PHE A 126 -11.24 26.99 8.68
CA PHE A 126 -10.84 25.85 9.49
C PHE A 126 -10.05 26.31 10.70
N PRO A 127 -10.78 26.83 11.69
CA PRO A 127 -10.10 27.54 12.77
C PRO A 127 -9.23 26.66 13.63
N ALA A 128 -9.40 25.35 13.56
CA ALA A 128 -8.56 24.49 14.37
C ALA A 128 -7.18 24.34 13.78
N VAL A 129 -6.92 24.79 12.56
CA VAL A 129 -5.56 24.69 12.01
C VAL A 129 -4.66 25.86 12.38
N PRO A 130 -4.92 27.15 12.13
CA PRO A 130 -6.07 27.63 11.36
C PRO A 130 -5.77 27.89 9.90
N TYR A 131 -6.76 27.70 9.06
CA TYR A 131 -6.81 28.19 7.69
C TYR A 131 -8.02 29.08 7.42
N SER A 132 -7.88 29.99 6.49
CA SER A 132 -8.94 30.88 6.00
C SER A 132 -8.96 30.88 4.47
N ALA A 133 -9.86 31.66 3.89
CA ALA A 133 -10.02 31.64 2.44
C ALA A 133 -8.71 31.90 1.73
N TRP A 134 -7.84 32.72 2.29
N TRP A 134 -7.80 32.73 2.26
CA TRP A 134 -6.53 33.10 1.80
CA TRP A 134 -6.62 33.02 1.44
C TRP A 134 -5.55 31.96 1.58
C TRP A 134 -5.59 31.90 1.44
N ASP A 135 -5.85 30.81 2.15
CA ASP A 135 -4.99 29.66 2.15
C ASP A 135 -5.40 28.58 1.15
N PHE A 136 -6.39 28.90 0.28
CA PHE A 136 -6.85 27.98 -0.75
C PHE A 136 -6.66 28.52 -2.15
N ASN A 137 -6.74 27.68 -3.19
N ASN A 137 -6.57 27.59 -3.10
CA ASN A 137 -6.46 28.00 -4.58
CA ASN A 137 -6.57 28.08 -4.47
C ASN A 137 -7.60 28.40 -5.50
C ASN A 137 -7.96 28.60 -4.82
N ASP A 138 -8.74 28.82 -4.97
N ASP A 138 -8.02 29.67 -5.58
CA ASP A 138 -9.87 29.20 -5.82
CA ASP A 138 -9.28 30.12 -6.19
C ASP A 138 -9.55 30.23 -6.90
C ASP A 138 -8.98 30.73 -7.55
N GLY A 139 -8.75 31.24 -6.60
N GLY A 139 -8.57 31.99 -7.61
CA GLY A 139 -8.34 32.24 -7.58
CA GLY A 139 -8.19 32.66 -8.85
C GLY A 139 -7.45 31.69 -8.68
C GLY A 139 -7.15 31.89 -9.65
N LYS A 140 -6.49 30.85 -8.30
N LYS A 140 -6.32 31.14 -8.94
CA LYS A 140 -5.42 30.38 -9.17
CA LYS A 140 -5.27 30.31 -9.50
C LYS A 140 -5.93 29.40 -10.23
C LYS A 140 -5.90 29.27 -10.41
N CYS A 141 -7.03 28.75 -9.92
CA CYS A 141 -7.72 27.80 -10.80
C CYS A 141 -8.41 28.54 -11.93
N LYS A 142 -8.21 28.06 -13.15
CA LYS A 142 -8.69 28.73 -14.34
C LYS A 142 -9.87 28.03 -14.99
N THR A 143 -10.42 26.98 -14.37
CA THR A 143 -11.57 26.37 -15.03
C THR A 143 -12.87 27.04 -14.58
N ALA A 144 -13.89 26.99 -15.46
CA ALA A 144 -15.16 27.61 -15.09
C ALA A 144 -15.83 26.98 -13.88
N SER A 145 -15.62 25.69 -13.72
CA SER A 145 -16.31 25.03 -12.61
C SER A 145 -15.61 25.06 -11.28
N GLY A 146 -14.35 25.40 -11.27
CA GLY A 146 -13.39 25.29 -10.19
C GLY A 146 -12.80 23.94 -9.90
N GLY A 147 -13.24 22.93 -10.66
CA GLY A 147 -12.77 21.59 -10.60
C GLY A 147 -11.87 21.24 -11.77
N ILE A 148 -11.29 20.03 -11.67
CA ILE A 148 -10.49 19.48 -12.73
C ILE A 148 -11.41 19.01 -13.84
N GLU A 149 -11.25 19.61 -15.00
CA GLU A 149 -12.05 19.22 -16.16
C GLU A 149 -11.28 18.34 -17.13
N SER A 150 -9.95 18.46 -17.15
CA SER A 150 -9.10 17.74 -18.06
C SER A 150 -7.77 17.36 -17.40
N TYR A 151 -7.49 16.07 -17.37
CA TYR A 151 -6.22 15.59 -16.86
C TYR A 151 -5.13 15.86 -17.88
N ASN A 152 -5.43 16.37 -19.05
CA ASN A 152 -4.40 16.69 -20.02
C ASN A 152 -3.70 18.00 -19.69
N ASP A 153 -4.21 18.79 -18.77
CA ASP A 153 -3.71 20.13 -18.40
C ASP A 153 -3.10 20.06 -17.01
N PRO A 154 -1.80 19.98 -16.87
CA PRO A 154 -1.22 19.83 -15.54
C PRO A 154 -1.56 20.98 -14.58
N TYR A 155 -1.82 22.17 -15.10
CA TYR A 155 -2.16 23.27 -14.22
C TYR A 155 -3.48 23.00 -13.50
N GLN A 156 -4.45 22.51 -14.28
CA GLN A 156 -5.70 22.30 -13.59
C GLN A 156 -5.62 21.13 -12.60
N VAL A 157 -4.88 20.09 -12.95
CA VAL A 157 -4.78 18.94 -12.07
C VAL A 157 -4.23 19.38 -10.72
N ARG A 158 -3.31 20.36 -10.74
CA ARG A 158 -2.69 20.78 -9.49
C ARG A 158 -3.36 21.94 -8.78
N ASP A 159 -4.02 22.80 -9.51
CA ASP A 159 -4.55 24.07 -8.93
C ASP A 159 -6.06 24.06 -8.73
N CYS A 160 -6.80 23.09 -9.29
CA CYS A 160 -8.25 23.02 -9.18
C CYS A 160 -8.61 21.93 -8.18
N GLN A 161 -9.91 21.90 -7.91
CA GLN A 161 -10.40 20.96 -6.92
C GLN A 161 -10.52 19.56 -7.48
N LEU A 162 -9.89 18.63 -6.75
CA LEU A 162 -10.08 17.20 -6.99
C LEU A 162 -11.40 16.74 -6.36
N VAL A 163 -12.34 16.23 -7.13
CA VAL A 163 -13.69 15.86 -6.70
C VAL A 163 -14.27 16.83 -5.68
N GLY A 164 -14.15 18.11 -5.97
CA GLY A 164 -14.76 19.12 -5.13
C GLY A 164 -14.08 19.41 -3.82
N LEU A 165 -12.90 18.84 -3.57
CA LEU A 165 -12.24 19.07 -2.29
C LEU A 165 -11.49 20.41 -2.29
N LEU A 166 -11.59 21.17 -1.22
CA LEU A 166 -10.94 22.47 -1.17
C LEU A 166 -9.45 22.36 -1.30
N ASP A 167 -8.88 23.01 -2.31
CA ASP A 167 -7.49 22.77 -2.70
C ASP A 167 -6.56 23.77 -2.00
N LEU A 168 -5.68 23.27 -1.14
CA LEU A 168 -4.81 24.16 -0.37
C LEU A 168 -3.81 24.86 -1.25
N ALA A 169 -3.49 26.11 -0.87
CA ALA A 169 -2.54 26.92 -1.62
C ALA A 169 -1.11 26.55 -1.25
N LEU A 170 -0.63 25.44 -1.76
CA LEU A 170 0.65 24.84 -1.42
C LEU A 170 1.85 25.68 -1.86
N GLU A 171 1.64 26.78 -2.60
CA GLU A 171 2.72 27.71 -2.91
C GLU A 171 3.08 28.59 -1.71
N LYS A 172 2.12 28.74 -0.76
CA LYS A 172 2.28 29.71 0.30
C LYS A 172 3.10 29.12 1.43
N ASP A 173 4.09 29.88 1.92
N ASP A 173 4.05 29.92 1.88
CA ASP A 173 4.89 29.36 3.03
CA ASP A 173 4.89 29.59 3.03
C ASP A 173 3.99 29.13 4.25
C ASP A 173 4.03 29.21 4.23
N TYR A 174 2.94 29.93 4.44
CA TYR A 174 2.08 29.67 5.61
C TYR A 174 1.53 28.25 5.57
N VAL A 175 1.01 27.86 4.41
CA VAL A 175 0.35 26.56 4.19
C VAL A 175 1.38 25.44 4.29
N ARG A 176 2.52 25.65 3.61
CA ARG A 176 3.59 24.67 3.72
C ARG A 176 4.01 24.43 5.17
N SER A 177 4.04 25.50 5.96
CA SER A 177 4.45 25.43 7.37
C SER A 177 3.39 24.75 8.23
N MET A 178 2.12 24.98 7.95
CA MET A 178 1.08 24.29 8.70
C MET A 178 1.18 22.78 8.48
N ILE A 179 1.39 22.41 7.20
CA ILE A 179 1.55 20.99 6.86
C ILE A 179 2.80 20.41 7.52
N ALA A 180 3.93 21.11 7.40
CA ALA A 180 5.15 20.60 8.01
C ALA A 180 5.01 20.45 9.52
N ASP A 181 4.31 21.37 10.17
CA ASP A 181 4.18 21.26 11.61
C ASP A 181 3.45 19.96 11.96
N TYR A 182 2.43 19.61 11.19
CA TYR A 182 1.71 18.36 11.40
C TYR A 182 2.63 17.16 11.20
N LEU A 183 3.33 17.16 10.07
CA LEU A 183 4.18 16.02 9.76
C LEU A 183 5.30 15.89 10.79
N ASN A 184 5.85 17.03 11.25
CA ASN A 184 6.93 16.99 12.25
C ASN A 184 6.45 16.50 13.61
N LYS A 185 5.20 16.85 13.97
CA LYS A 185 4.65 16.27 15.20
C LYS A 185 4.66 14.75 15.09
N LEU A 186 4.23 14.22 13.93
CA LEU A 186 4.19 12.78 13.73
C LEU A 186 5.58 12.17 13.76
N ILE A 187 6.54 12.81 13.10
CA ILE A 187 7.93 12.32 13.13
C ILE A 187 8.43 12.25 14.57
N ASP A 188 8.21 13.29 15.33
CA ASP A 188 8.72 13.31 16.69
C ASP A 188 8.03 12.24 17.53
N ILE A 189 6.79 11.92 17.28
CA ILE A 189 6.11 10.82 17.95
C ILE A 189 6.79 9.48 17.63
N GLY A 190 7.34 9.34 16.43
CA GLY A 190 8.11 8.15 16.10
C GLY A 190 7.73 7.57 14.74
N VAL A 191 6.94 8.20 13.91
CA VAL A 191 6.63 7.71 12.59
C VAL A 191 7.89 7.73 11.73
N ALA A 192 8.00 6.75 10.82
CA ALA A 192 9.17 6.54 9.99
C ALA A 192 9.05 7.22 8.63
N GLY A 193 7.82 7.59 8.21
CA GLY A 193 7.64 8.13 6.90
C GLY A 193 6.18 8.27 6.53
N PHE A 194 5.95 8.63 5.26
CA PHE A 194 4.65 9.07 4.81
C PHE A 194 4.33 8.58 3.42
N ARG A 195 3.05 8.20 3.28
CA ARG A 195 2.43 8.14 1.98
C ARG A 195 1.85 9.53 1.68
N ILE A 196 2.30 10.21 0.66
CA ILE A 196 1.77 11.55 0.33
C ILE A 196 0.59 11.33 -0.60
N ASP A 197 -0.60 11.43 -0.01
CA ASP A 197 -1.83 11.31 -0.77
C ASP A 197 -1.94 12.34 -1.88
N ALA A 198 -2.48 11.91 -3.02
CA ALA A 198 -2.83 12.87 -4.05
C ALA A 198 -1.65 13.72 -4.50
N SER A 199 -0.49 13.09 -4.58
CA SER A 199 0.68 13.86 -4.98
C SER A 199 0.62 14.42 -6.39
N LYS A 200 -0.11 13.68 -7.25
CA LYS A 200 -0.28 14.17 -8.61
C LYS A 200 -0.90 15.57 -8.62
N HIS A 201 -1.68 15.89 -7.62
CA HIS A 201 -2.46 17.10 -7.50
C HIS A 201 -1.69 18.22 -6.83
N MET A 202 -0.40 17.99 -6.59
CA MET A 202 0.51 19.00 -6.07
C MET A 202 1.68 19.16 -7.02
N TRP A 203 2.25 20.36 -7.07
CA TRP A 203 3.46 20.59 -7.81
C TRP A 203 4.63 19.90 -7.12
N PRO A 204 5.47 19.19 -7.85
CA PRO A 204 6.65 18.57 -7.23
C PRO A 204 7.45 19.50 -6.34
N GLY A 205 7.60 20.75 -6.77
CA GLY A 205 8.40 21.71 -5.98
C GLY A 205 7.71 22.19 -4.73
N ASP A 206 6.37 22.14 -4.71
CA ASP A 206 5.68 22.47 -3.49
C ASP A 206 5.86 21.33 -2.50
N ILE A 207 5.74 20.11 -2.95
CA ILE A 207 6.03 18.98 -2.07
C ILE A 207 7.45 19.08 -1.51
N LYS A 208 8.41 19.38 -2.39
CA LYS A 208 9.78 19.52 -1.96
C LYS A 208 9.90 20.57 -0.85
N ALA A 209 9.20 21.68 -1.01
CA ALA A 209 9.33 22.75 -0.02
C ALA A 209 8.81 22.29 1.33
N VAL A 210 7.78 21.45 1.32
CA VAL A 210 7.31 20.91 2.59
C VAL A 210 8.30 19.93 3.20
N LEU A 211 8.79 19.01 2.34
CA LEU A 211 9.72 17.99 2.79
C LEU A 211 11.03 18.53 3.35
N ASP A 212 11.43 19.69 2.82
CA ASP A 212 12.69 20.30 3.29
C ASP A 212 12.56 20.79 4.72
N LYS A 213 11.34 20.92 5.25
CA LYS A 213 11.12 21.41 6.60
C LYS A 213 11.09 20.27 7.61
N LEU A 214 11.20 19.02 7.15
CA LEU A 214 10.97 17.88 8.02
C LEU A 214 12.17 17.48 8.89
N HIS A 215 11.81 17.16 10.12
CA HIS A 215 12.77 16.63 11.09
C HIS A 215 13.38 15.31 10.66
N ASN A 216 14.56 15.05 11.22
CA ASN A 216 15.08 13.70 11.21
C ASN A 216 14.29 12.80 12.16
N LEU A 217 14.32 11.49 11.90
CA LEU A 217 13.56 10.50 12.69
C LEU A 217 14.07 10.41 14.12
N ASN A 218 13.18 9.93 14.99
CA ASN A 218 13.39 9.95 16.44
C ASN A 218 14.49 8.94 16.79
N THR A 219 15.54 9.43 17.45
CA THR A 219 16.70 8.61 17.70
C THR A 219 16.50 7.57 18.82
N ASN A 220 15.32 7.54 19.43
CA ASN A 220 15.04 6.41 20.31
C ASN A 220 14.98 5.14 19.50
N TRP A 221 14.66 5.22 18.23
CA TRP A 221 14.47 4.02 17.43
C TRP A 221 15.29 4.03 16.15
N PHE A 222 15.76 5.15 15.64
CA PHE A 222 16.46 5.29 14.39
C PHE A 222 17.86 5.86 14.57
N PRO A 223 18.78 5.52 13.68
CA PRO A 223 20.08 6.17 13.70
C PRO A 223 19.94 7.68 13.52
N ALA A 224 20.92 8.41 14.07
CA ALA A 224 20.97 9.84 13.88
C ALA A 224 21.04 10.16 12.39
N GLY A 225 20.40 11.27 12.01
CA GLY A 225 20.52 11.68 10.63
C GLY A 225 19.59 10.96 9.69
N SER A 226 18.62 10.23 10.20
CA SER A 226 17.72 9.46 9.34
C SER A 226 16.59 10.34 8.79
N ARG A 227 16.43 10.26 7.49
CA ARG A 227 15.35 11.04 6.87
C ARG A 227 14.09 10.22 6.72
N PRO A 228 12.93 10.80 6.87
CA PRO A 228 11.68 10.06 6.66
C PRO A 228 11.58 9.44 5.29
N PHE A 229 11.05 8.22 5.24
CA PHE A 229 10.69 7.56 3.99
C PHE A 229 9.51 8.32 3.36
N ILE A 230 9.61 8.61 2.07
CA ILE A 230 8.54 9.28 1.36
C ILE A 230 8.12 8.44 0.17
N PHE A 231 6.83 8.13 0.08
CA PHE A 231 6.29 7.52 -1.12
C PHE A 231 5.05 8.32 -1.53
N GLN A 232 5.10 8.84 -2.75
CA GLN A 232 4.11 9.73 -3.28
C GLN A 232 3.09 8.97 -4.10
N GLU A 233 1.81 9.21 -3.83
CA GLU A 233 0.77 8.59 -4.63
C GLU A 233 0.57 9.39 -5.92
N VAL A 234 1.05 8.84 -7.01
CA VAL A 234 0.88 9.41 -8.34
C VAL A 234 0.39 8.25 -9.22
N ILE A 235 -0.79 8.40 -9.78
CA ILE A 235 -1.30 7.40 -10.70
C ILE A 235 -0.86 7.78 -12.09
N ASP A 236 0.02 6.97 -12.65
CA ASP A 236 0.48 7.24 -14.04
C ASP A 236 0.64 5.92 -14.72
N LEU A 237 -0.41 5.57 -15.47
CA LEU A 237 -0.39 4.30 -16.19
C LEU A 237 0.25 4.44 -17.56
N GLY A 238 0.84 5.59 -17.90
N GLY A 238 0.78 5.65 -17.74
CA GLY A 238 1.57 5.64 -19.15
CA GLY A 238 1.46 6.06 -18.94
C GLY A 238 0.93 6.44 -20.26
C GLY A 238 0.50 6.75 -19.90
N GLY A 239 -0.29 6.92 -20.10
N GLY A 239 1.09 7.40 -20.90
CA GLY A 239 -0.96 7.65 -21.16
CA GLY A 239 0.33 8.09 -21.92
C GLY A 239 -1.51 9.00 -20.81
C GLY A 239 -0.57 9.18 -21.42
N GLU A 240 -1.07 9.67 -19.76
N GLU A 240 -0.16 9.95 -20.41
CA GLU A 240 -1.52 11.01 -19.41
CA GLU A 240 -0.89 11.11 -19.92
C GLU A 240 -0.28 11.89 -19.24
C GLU A 240 0.04 12.27 -19.60
N ALA A 241 -0.54 13.18 -19.21
N ALA A 241 -0.54 13.39 -19.19
CA ALA A 241 0.45 14.24 -19.22
CA ALA A 241 0.14 14.66 -19.07
C ALA A 241 1.42 14.21 -18.05
C ALA A 241 1.16 14.77 -17.94
N ILE A 242 0.90 14.06 -16.84
CA ILE A 242 1.79 14.05 -15.68
C ILE A 242 2.47 12.69 -15.59
N LYS A 243 3.80 12.77 -15.45
CA LYS A 243 4.61 11.59 -15.30
C LYS A 243 5.10 11.38 -13.88
N SER A 244 5.13 10.12 -13.47
N SER A 244 5.07 10.14 -13.46
CA SER A 244 5.76 9.75 -12.20
CA SER A 244 5.62 9.83 -12.12
C SER A 244 7.13 10.31 -11.96
C SER A 244 7.06 10.31 -12.00
N SER A 245 7.87 10.33 -13.06
CA SER A 245 9.26 10.79 -12.95
C SER A 245 9.36 12.22 -12.50
N GLU A 246 8.31 13.02 -12.62
CA GLU A 246 8.38 14.42 -12.15
C GLU A 246 8.61 14.50 -10.67
N TYR A 247 8.33 13.41 -9.95
CA TYR A 247 8.34 13.35 -8.49
C TYR A 247 9.53 12.64 -7.91
N PHE A 248 10.45 12.15 -8.74
CA PHE A 248 11.56 11.32 -8.24
C PHE A 248 12.52 12.05 -7.32
N GLY A 249 12.59 13.36 -7.44
CA GLY A 249 13.49 14.13 -6.61
C GLY A 249 13.01 14.21 -5.17
N ASN A 250 11.75 13.86 -4.92
CA ASN A 250 11.24 13.97 -3.55
C ASN A 250 11.23 12.69 -2.74
N GLY A 251 11.23 11.55 -3.42
CA GLY A 251 11.13 10.27 -2.75
C GLY A 251 10.63 9.24 -3.75
N ARG A 252 10.17 8.10 -3.22
CA ARG A 252 9.64 7.07 -4.10
C ARG A 252 8.25 7.50 -4.59
N VAL A 253 7.76 6.76 -5.56
CA VAL A 253 6.47 6.97 -6.18
C VAL A 253 5.78 5.61 -6.28
N THR A 254 4.47 5.61 -6.02
CA THR A 254 3.67 4.43 -6.30
C THR A 254 3.71 4.07 -7.78
N GLU A 255 4.01 2.80 -8.08
CA GLU A 255 4.03 2.35 -9.47
C GLU A 255 2.72 1.60 -9.72
N PHE A 256 1.70 2.37 -10.17
CA PHE A 256 0.39 1.76 -10.42
C PHE A 256 0.42 0.87 -11.66
N LYS A 257 1.41 1.02 -12.54
CA LYS A 257 1.47 0.11 -13.67
C LYS A 257 1.67 -1.33 -13.22
N TYR A 258 2.26 -1.50 -12.05
CA TYR A 258 2.67 -2.82 -11.56
C TYR A 258 1.47 -3.73 -11.41
N GLY A 259 0.53 -3.37 -10.56
CA GLY A 259 -0.61 -4.20 -10.32
C GLY A 259 -1.58 -4.28 -11.48
N ALA A 260 -1.67 -3.20 -12.25
CA ALA A 260 -2.53 -3.23 -13.42
C ALA A 260 -2.05 -4.27 -14.42
N LYS A 261 -0.76 -4.22 -14.74
CA LYS A 261 -0.20 -5.18 -15.71
C LYS A 261 -0.15 -6.58 -15.12
N LEU A 262 0.22 -6.75 -13.89
CA LEU A 262 0.33 -8.09 -13.25
C LEU A 262 -1.05 -8.73 -13.19
N GLY A 263 -2.06 -7.98 -12.81
CA GLY A 263 -3.43 -8.51 -12.80
C GLY A 263 -3.87 -9.01 -14.15
N THR A 264 -3.65 -8.21 -15.19
CA THR A 264 -3.96 -8.66 -16.55
C THR A 264 -3.22 -9.93 -16.90
N VAL A 265 -1.94 -10.02 -16.58
CA VAL A 265 -1.17 -11.21 -16.91
C VAL A 265 -1.71 -12.44 -16.18
N VAL A 266 -1.90 -12.31 -14.86
CA VAL A 266 -2.32 -13.47 -14.06
C VAL A 266 -3.74 -13.92 -14.43
N ARG A 267 -4.58 -12.99 -14.84
CA ARG A 267 -5.92 -13.33 -15.33
C ARG A 267 -5.88 -13.89 -16.73
N LYS A 268 -4.76 -13.78 -17.41
CA LYS A 268 -4.64 -14.21 -18.80
C LYS A 268 -5.62 -13.47 -19.70
N TRP A 269 -5.77 -12.19 -19.43
CA TRP A 269 -6.56 -11.30 -20.28
C TRP A 269 -5.68 -10.65 -21.35
N SER A 270 -6.31 -10.22 -22.43
CA SER A 270 -5.67 -9.44 -23.48
C SER A 270 -4.49 -10.15 -24.11
N GLY A 271 -4.54 -11.48 -24.13
CA GLY A 271 -3.48 -12.30 -24.69
C GLY A 271 -2.26 -12.42 -23.81
N GLU A 272 -2.31 -11.89 -22.58
CA GLU A 272 -1.10 -11.86 -21.76
C GLU A 272 -0.84 -13.24 -21.15
N LYS A 273 0.43 -13.51 -20.92
CA LYS A 273 0.92 -14.78 -20.45
C LYS A 273 2.01 -14.62 -19.39
N MET A 274 2.08 -15.54 -18.41
CA MET A 274 3.08 -15.36 -17.34
C MET A 274 4.49 -15.47 -17.90
N SER A 275 4.67 -16.21 -19.00
CA SER A 275 6.01 -16.28 -19.58
C SER A 275 6.52 -14.92 -20.01
N TYR A 276 5.66 -13.94 -20.23
CA TYR A 276 6.09 -12.62 -20.63
C TYR A 276 6.76 -11.86 -19.48
N LEU A 277 6.62 -12.37 -18.26
CA LEU A 277 7.19 -11.70 -17.10
C LEU A 277 8.70 -11.86 -16.94
N LYS A 278 9.37 -12.52 -17.87
CA LYS A 278 10.80 -12.75 -17.73
C LYS A 278 11.56 -11.42 -17.52
N ASN A 279 11.13 -10.38 -18.21
CA ASN A 279 11.79 -9.06 -18.12
C ASN A 279 10.98 -8.08 -17.31
N TRP A 280 10.16 -8.56 -16.40
CA TRP A 280 9.46 -7.70 -15.45
C TRP A 280 10.36 -6.68 -14.78
N GLY A 281 9.77 -5.48 -14.61
CA GLY A 281 10.48 -4.35 -14.02
C GLY A 281 10.62 -3.26 -15.07
N GLU A 282 11.81 -2.69 -15.14
CA GLU A 282 12.01 -1.64 -16.14
C GLU A 282 11.78 -2.15 -17.55
N GLY A 283 11.93 -3.45 -17.85
CA GLY A 283 11.64 -3.99 -19.16
C GLY A 283 10.20 -3.84 -19.61
N TRP A 284 9.31 -3.69 -18.63
CA TRP A 284 7.92 -3.42 -18.89
C TRP A 284 7.61 -1.93 -18.91
N GLY A 285 8.64 -1.08 -18.88
CA GLY A 285 8.47 0.35 -18.94
C GLY A 285 8.22 0.98 -17.59
N PHE A 286 8.45 0.24 -16.51
CA PHE A 286 8.25 0.80 -15.18
C PHE A 286 9.39 1.73 -14.80
N MET A 287 9.12 2.47 -13.71
CA MET A 287 10.11 3.41 -13.15
C MET A 287 11.29 2.60 -12.59
N PRO A 288 12.40 3.27 -12.29
CA PRO A 288 13.51 2.55 -11.67
C PRO A 288 13.08 1.87 -10.37
N SER A 289 13.61 0.67 -10.18
CA SER A 289 13.28 -0.08 -8.98
C SER A 289 13.53 0.71 -7.71
N ASP A 290 14.61 1.49 -7.65
CA ASP A 290 14.94 2.27 -6.46
C ASP A 290 14.08 3.51 -6.29
N ARG A 291 13.12 3.70 -7.16
CA ARG A 291 12.13 4.77 -6.93
C ARG A 291 10.74 4.21 -6.68
N ALA A 292 10.54 2.90 -6.75
CA ALA A 292 9.18 2.36 -6.81
C ALA A 292 8.68 1.83 -5.47
N LEU A 293 7.41 2.11 -5.21
CA LEU A 293 6.63 1.41 -4.19
C LEU A 293 5.62 0.59 -4.96
N VAL A 294 5.64 -0.72 -4.79
CA VAL A 294 4.80 -1.62 -5.58
C VAL A 294 3.85 -2.40 -4.68
N PHE A 295 2.79 -2.87 -5.33
CA PHE A 295 1.66 -3.48 -4.66
C PHE A 295 0.78 -4.06 -5.80
N VAL A 296 0.03 -5.10 -5.42
CA VAL A 296 -0.93 -5.72 -6.34
C VAL A 296 -2.21 -4.91 -6.39
N ASP A 297 -2.75 -4.57 -5.24
CA ASP A 297 -3.93 -3.74 -5.12
C ASP A 297 -3.70 -2.70 -4.02
N ASN A 298 -4.47 -1.63 -4.02
CA ASN A 298 -4.48 -0.68 -2.91
C ASN A 298 -5.93 -0.41 -2.48
N HIS A 299 -6.10 0.45 -1.49
CA HIS A 299 -7.40 0.62 -0.89
C HIS A 299 -8.38 1.22 -1.89
N ASP A 300 -7.94 2.01 -2.83
CA ASP A 300 -8.80 2.58 -3.88
C ASP A 300 -9.19 1.51 -4.89
N ASN A 301 -8.18 0.91 -5.52
CA ASN A 301 -8.50 0.12 -6.73
C ASN A 301 -9.02 -1.26 -6.38
N GLN A 302 -8.94 -1.72 -5.15
CA GLN A 302 -9.62 -2.98 -4.83
C GLN A 302 -11.13 -2.85 -4.85
N ARG A 303 -11.62 -1.60 -4.86
CA ARG A 303 -13.06 -1.34 -4.85
C ARG A 303 -13.42 -0.41 -5.99
N GLY A 304 -12.60 -0.34 -7.03
CA GLY A 304 -12.93 0.33 -8.25
C GLY A 304 -12.71 1.83 -8.24
N HIS A 305 -12.14 2.35 -7.19
CA HIS A 305 -11.73 3.78 -7.15
C HIS A 305 -10.35 3.93 -7.78
N GLY A 306 -9.84 5.12 -8.03
CA GLY A 306 -8.45 5.29 -8.53
C GLY A 306 -8.28 4.61 -9.88
N ALA A 307 -7.20 3.84 -10.10
CA ALA A 307 -6.95 3.26 -11.43
C ALA A 307 -6.47 1.82 -11.41
N GLY A 308 -6.60 1.11 -12.54
CA GLY A 308 -6.35 -0.30 -12.83
C GLY A 308 -7.54 -1.13 -13.28
N GLY A 309 -8.76 -0.70 -12.86
CA GLY A 309 -9.98 -1.32 -13.31
C GLY A 309 -10.15 -2.75 -12.85
N SER A 310 -10.91 -3.47 -13.66
CA SER A 310 -11.28 -4.83 -13.29
C SER A 310 -10.11 -5.79 -13.31
N SER A 311 -8.99 -5.41 -13.92
CA SER A 311 -7.86 -6.33 -13.93
C SER A 311 -7.25 -6.48 -12.56
N ILE A 312 -7.44 -5.50 -11.68
CA ILE A 312 -6.81 -5.55 -10.38
C ILE A 312 -7.25 -6.82 -9.65
N LEU A 313 -6.26 -7.55 -9.11
CA LEU A 313 -6.57 -8.69 -8.28
C LEU A 313 -6.65 -8.30 -6.82
N THR A 314 -7.62 -8.91 -6.12
CA THR A 314 -7.90 -8.60 -4.72
C THR A 314 -8.22 -9.90 -3.98
N PHE A 315 -8.43 -9.77 -2.70
CA PHE A 315 -8.79 -10.91 -1.87
C PHE A 315 -10.02 -11.61 -2.36
N TRP A 316 -10.88 -10.92 -3.09
CA TRP A 316 -12.09 -11.56 -3.63
C TRP A 316 -11.75 -12.64 -4.66
N ASP A 317 -10.60 -12.52 -5.27
CA ASP A 317 -10.08 -13.50 -6.22
C ASP A 317 -8.91 -14.26 -5.60
N ALA A 318 -9.12 -14.90 -4.48
CA ALA A 318 -8.06 -15.26 -3.55
C ALA A 318 -6.98 -16.11 -4.17
N ARG A 319 -7.38 -17.11 -4.98
CA ARG A 319 -6.40 -18.01 -5.56
C ARG A 319 -5.42 -17.27 -6.47
N LEU A 320 -5.95 -16.51 -7.41
CA LEU A 320 -5.05 -15.73 -8.30
C LEU A 320 -4.34 -14.62 -7.56
N TYR A 321 -4.99 -14.03 -6.57
CA TYR A 321 -4.36 -12.98 -5.78
C TYR A 321 -3.12 -13.50 -5.09
N LYS A 322 -3.19 -14.68 -4.49
CA LYS A 322 -2.02 -15.25 -3.81
C LYS A 322 -0.89 -15.44 -4.81
N ILE A 323 -1.21 -15.88 -6.02
CA ILE A 323 -0.16 -16.04 -7.05
C ILE A 323 0.50 -14.71 -7.39
N ALA A 324 -0.30 -13.66 -7.55
CA ALA A 324 0.24 -12.36 -7.92
C ALA A 324 1.08 -11.80 -6.77
N VAL A 325 0.61 -11.87 -5.55
CA VAL A 325 1.32 -11.37 -4.38
C VAL A 325 2.61 -12.15 -4.20
N GLY A 326 2.54 -13.47 -4.45
CA GLY A 326 3.75 -14.29 -4.35
C GLY A 326 4.82 -13.95 -5.38
N PHE A 327 4.38 -13.71 -6.61
CA PHE A 327 5.30 -13.26 -7.64
C PHE A 327 5.95 -11.95 -7.22
N MET A 328 5.11 -11.00 -6.79
CA MET A 328 5.66 -9.73 -6.37
C MET A 328 6.67 -9.84 -5.25
N LEU A 329 6.36 -10.63 -4.22
CA LEU A 329 7.22 -10.72 -3.06
C LEU A 329 8.49 -11.51 -3.37
N ALA A 330 8.49 -12.36 -4.38
CA ALA A 330 9.70 -13.04 -4.77
C ALA A 330 10.59 -12.21 -5.70
N HIS A 331 10.00 -11.33 -6.52
CA HIS A 331 10.76 -10.61 -7.56
C HIS A 331 11.51 -9.41 -6.98
N PRO A 332 12.74 -9.15 -7.34
CA PRO A 332 13.49 -8.08 -6.67
C PRO A 332 13.02 -6.68 -6.89
N TYR A 333 12.22 -6.33 -7.84
CA TYR A 333 11.77 -5.03 -8.28
C TYR A 333 10.96 -4.39 -7.16
N GLY A 334 11.34 -3.17 -6.80
CA GLY A 334 10.52 -2.34 -5.95
C GLY A 334 10.57 -2.62 -4.47
N PHE A 335 9.97 -1.70 -3.68
CA PHE A 335 9.72 -1.91 -2.28
C PHE A 335 8.25 -2.31 -2.17
N THR A 336 7.98 -3.43 -1.50
CA THR A 336 6.65 -4.06 -1.56
C THR A 336 5.74 -3.67 -0.39
N ARG A 337 4.50 -3.38 -0.76
CA ARG A 337 3.41 -3.14 0.18
C ARG A 337 2.30 -4.16 -0.04
N VAL A 338 1.90 -4.84 1.03
CA VAL A 338 0.82 -5.80 1.01
C VAL A 338 -0.42 -5.16 1.62
N MET A 339 -1.56 -5.46 1.03
CA MET A 339 -2.81 -4.87 1.48
C MET A 339 -3.42 -5.74 2.53
N SER A 340 -4.08 -5.17 3.50
CA SER A 340 -4.92 -5.84 4.45
C SER A 340 -6.28 -5.16 4.51
N SER A 341 -7.33 -5.93 4.31
CA SER A 341 -8.62 -5.37 3.93
C SER A 341 -9.76 -5.75 4.87
N TYR A 342 -10.93 -5.17 4.64
CA TYR A 342 -12.14 -5.70 5.20
C TYR A 342 -13.10 -6.08 4.09
N ARG A 343 -14.05 -6.95 4.45
N ARG A 343 -14.02 -7.00 4.37
CA ARG A 343 -15.12 -7.34 3.56
CA ARG A 343 -14.97 -7.38 3.33
C ARG A 343 -16.23 -6.30 3.51
C ARG A 343 -16.27 -6.57 3.48
N TRP A 344 -16.87 -6.23 2.35
CA TRP A 344 -18.09 -5.42 2.29
C TRP A 344 -19.00 -6.08 1.27
N ALA A 345 -20.24 -5.67 1.31
CA ALA A 345 -21.24 -6.25 0.39
C ALA A 345 -21.16 -5.60 -0.96
N ARG A 346 -20.50 -6.20 -1.89
CA ARG A 346 -20.43 -5.66 -3.24
C ARG A 346 -21.78 -5.79 -3.94
N ASN A 347 -22.07 -4.76 -4.75
CA ASN A 347 -23.32 -4.81 -5.53
C ASN A 347 -23.06 -4.20 -6.88
N PHE A 348 -22.77 -5.07 -7.85
CA PHE A 348 -22.45 -4.57 -9.17
C PHE A 348 -23.70 -4.30 -10.00
N VAL A 349 -23.77 -3.09 -10.51
CA VAL A 349 -24.79 -2.64 -11.41
C VAL A 349 -24.10 -2.13 -12.67
N ASN A 350 -24.40 -2.80 -13.76
CA ASN A 350 -23.69 -2.52 -15.01
C ASN A 350 -22.18 -2.34 -14.79
N GLY A 351 -21.55 -3.26 -14.07
CA GLY A 351 -20.12 -3.30 -13.84
C GLY A 351 -19.60 -2.39 -12.75
N GLU A 352 -20.44 -1.55 -12.16
CA GLU A 352 -20.05 -0.63 -11.09
C GLU A 352 -20.53 -1.14 -9.73
N ASP A 353 -19.62 -1.18 -8.76
CA ASP A 353 -20.02 -1.58 -7.40
C ASP A 353 -20.64 -0.36 -6.74
N VAL A 354 -21.93 -0.33 -6.56
CA VAL A 354 -22.62 0.84 -6.01
C VAL A 354 -22.46 0.83 -4.49
N ASN A 355 -21.85 -0.23 -3.96
CA ASN A 355 -21.53 -0.25 -2.54
C ASN A 355 -20.05 -0.01 -2.25
N ASP A 356 -19.33 0.61 -3.20
CA ASP A 356 -17.90 0.91 -3.08
C ASP A 356 -17.55 1.94 -2.03
N TRP A 357 -18.52 2.53 -1.35
CA TRP A 357 -18.36 3.50 -0.29
C TRP A 357 -18.29 2.87 1.09
N ILE A 358 -18.71 1.61 1.26
CA ILE A 358 -18.92 1.06 2.60
C ILE A 358 -17.62 1.10 3.39
N GLY A 359 -17.74 1.61 4.62
CA GLY A 359 -16.65 1.80 5.53
C GLY A 359 -16.34 0.54 6.29
N PRO A 360 -15.37 0.61 7.17
CA PRO A 360 -14.88 -0.59 7.89
C PRO A 360 -15.94 -1.19 8.79
N PRO A 361 -15.72 -2.45 9.16
CA PRO A 361 -16.65 -3.09 10.08
C PRO A 361 -16.92 -2.25 11.29
N ASN A 362 -18.19 -2.12 11.63
CA ASN A 362 -18.56 -1.15 12.64
C ASN A 362 -19.88 -1.56 13.28
N ASN A 363 -19.98 -1.09 14.50
CA ASN A 363 -21.24 -1.12 15.19
C ASN A 363 -21.73 0.32 15.28
N ASN A 364 -22.71 0.65 14.44
CA ASN A 364 -23.29 1.99 14.51
C ASN A 364 -22.25 3.10 14.38
N GLY A 365 -21.29 2.88 13.47
CA GLY A 365 -20.26 3.84 13.19
C GLY A 365 -19.03 3.70 14.03
N VAL A 366 -19.07 2.87 15.07
CA VAL A 366 -17.87 2.62 15.87
C VAL A 366 -17.13 1.42 15.31
N ILE A 367 -15.87 1.61 14.93
CA ILE A 367 -15.10 0.55 14.25
C ILE A 367 -14.91 -0.62 15.21
N LYS A 368 -15.13 -1.81 14.64
CA LYS A 368 -14.99 -3.05 15.40
C LYS A 368 -13.55 -3.42 15.62
N GLU A 369 -13.28 -4.03 16.78
N GLU A 369 -13.33 -4.06 16.76
CA GLU A 369 -11.95 -4.55 17.04
CA GLU A 369 -12.12 -4.75 17.10
C GLU A 369 -11.67 -5.71 16.09
C GLU A 369 -11.70 -5.74 16.02
N VAL A 370 -10.40 -5.97 15.88
CA VAL A 370 -9.92 -7.13 15.13
C VAL A 370 -9.75 -8.27 16.11
N THR A 371 -10.61 -9.27 15.93
CA THR A 371 -10.53 -10.46 16.77
C THR A 371 -9.69 -11.52 16.06
N ILE A 372 -8.89 -12.24 16.84
CA ILE A 372 -8.04 -13.28 16.26
C ILE A 372 -8.59 -14.65 16.66
N ASN A 373 -8.82 -15.47 15.64
CA ASN A 373 -9.25 -16.85 15.84
C ASN A 373 -8.11 -17.81 16.11
N ALA A 374 -8.50 -18.98 16.63
CA ALA A 374 -7.51 -19.97 17.03
C ALA A 374 -6.70 -20.38 15.80
N ASP A 375 -7.27 -20.32 14.60
CA ASP A 375 -6.55 -20.75 13.40
C ASP A 375 -5.74 -19.60 12.80
N THR A 376 -5.66 -18.49 13.48
CA THR A 376 -4.88 -17.30 13.18
C THR A 376 -5.57 -16.41 12.14
N THR A 377 -6.78 -16.80 11.69
CA THR A 377 -7.59 -15.85 10.90
C THR A 377 -8.22 -14.81 11.82
N CYS A 378 -8.83 -13.81 11.22
CA CYS A 378 -9.50 -12.74 11.90
C CYS A 378 -11.02 -12.82 11.81
N GLY A 379 -11.67 -12.34 12.86
CA GLY A 379 -13.11 -12.18 12.81
C GLY A 379 -13.57 -10.76 12.49
N ASN A 380 -14.88 -10.53 12.63
CA ASN A 380 -15.53 -9.23 12.45
C ASN A 380 -15.35 -8.63 11.07
N ASP A 381 -15.17 -9.50 10.06
CA ASP A 381 -15.11 -9.12 8.64
C ASP A 381 -13.83 -8.38 8.25
N TRP A 382 -12.80 -8.46 9.09
CA TRP A 382 -11.44 -8.12 8.67
C TRP A 382 -10.88 -9.33 7.92
N VAL A 383 -10.36 -9.10 6.71
CA VAL A 383 -9.86 -10.18 5.89
C VAL A 383 -8.49 -10.68 6.33
N CYS A 384 -7.64 -9.76 6.75
CA CYS A 384 -6.30 -10.10 7.25
C CYS A 384 -5.53 -10.96 6.25
N GLU A 385 -5.42 -10.48 5.00
CA GLU A 385 -4.61 -11.18 4.04
C GLU A 385 -3.19 -11.38 4.48
N HIS A 386 -2.67 -10.42 5.28
CA HIS A 386 -1.27 -10.53 5.74
C HIS A 386 -1.07 -11.70 6.71
N ARG A 387 -2.15 -12.33 7.16
CA ARG A 387 -2.15 -13.53 8.00
C ARG A 387 -2.32 -14.81 7.19
N TRP A 388 -2.63 -14.70 5.89
CA TRP A 388 -2.74 -15.92 5.07
C TRP A 388 -1.35 -16.56 5.00
N ARG A 389 -1.25 -17.87 5.21
CA ARG A 389 0.07 -18.52 5.22
C ARG A 389 0.86 -18.19 3.97
N GLU A 390 0.20 -18.23 2.82
CA GLU A 390 0.82 -18.03 1.52
C GLU A 390 1.40 -16.63 1.34
N ILE A 391 0.83 -15.66 1.99
CA ILE A 391 1.37 -14.30 1.95
C ILE A 391 2.37 -14.09 3.07
N ARG A 392 2.11 -14.46 4.34
N ARG A 392 2.04 -14.49 4.30
CA ARG A 392 3.09 -14.31 5.42
CA ARG A 392 2.92 -14.45 5.46
C ARG A 392 4.40 -14.98 5.07
C ARG A 392 4.29 -15.02 5.14
N ASN A 393 4.33 -16.20 4.53
CA ASN A 393 5.55 -16.93 4.25
C ASN A 393 6.30 -16.30 3.07
N MET A 394 5.61 -15.60 2.18
CA MET A 394 6.31 -14.92 1.12
C MET A 394 6.90 -13.59 1.61
N VAL A 395 6.29 -12.97 2.61
CA VAL A 395 6.92 -11.81 3.28
C VAL A 395 8.24 -12.28 3.87
N TRP A 396 8.28 -13.44 4.51
CA TRP A 396 9.52 -14.00 5.07
C TRP A 396 10.48 -14.35 3.93
N PHE A 397 10.03 -14.99 2.87
CA PHE A 397 10.88 -15.28 1.71
C PHE A 397 11.64 -14.03 1.27
N ARG A 398 10.91 -12.91 1.10
CA ARG A 398 11.55 -11.69 0.59
C ARG A 398 12.66 -11.24 1.52
N ASN A 399 12.47 -11.37 2.82
CA ASN A 399 13.56 -11.01 3.78
C ASN A 399 14.72 -11.98 3.60
N VAL A 400 14.45 -13.28 3.50
CA VAL A 400 15.51 -14.28 3.38
C VAL A 400 16.40 -14.04 2.15
N VAL A 401 15.78 -13.64 1.04
CA VAL A 401 16.50 -13.49 -0.22
C VAL A 401 16.98 -12.07 -0.49
N ASP A 402 16.82 -11.16 0.43
CA ASP A 402 17.18 -9.75 0.23
C ASP A 402 18.61 -9.62 -0.24
N GLY A 403 18.78 -8.87 -1.31
CA GLY A 403 20.10 -8.63 -1.87
C GLY A 403 20.51 -9.62 -2.96
N GLN A 404 19.82 -10.74 -3.09
CA GLN A 404 20.20 -11.76 -4.08
C GLN A 404 19.57 -11.45 -5.43
N PRO A 405 20.34 -11.66 -6.49
CA PRO A 405 19.83 -11.30 -7.80
C PRO A 405 18.83 -12.28 -8.39
N PHE A 406 17.97 -11.72 -9.26
CA PHE A 406 17.13 -12.51 -10.13
C PHE A 406 18.01 -13.54 -10.89
N ALA A 407 17.60 -14.80 -10.91
CA ALA A 407 18.38 -15.87 -11.49
C ALA A 407 17.51 -17.02 -11.95
N ASN A 408 18.07 -17.86 -12.78
CA ASN A 408 17.50 -19.16 -13.10
C ASN A 408 16.05 -19.09 -13.54
N TRP A 409 15.75 -18.07 -14.38
CA TRP A 409 14.41 -18.05 -15.01
C TRP A 409 14.20 -19.26 -15.90
N TRP A 410 12.99 -19.77 -15.85
CA TRP A 410 12.48 -20.81 -16.74
C TRP A 410 11.03 -20.49 -17.10
N ASP A 411 10.63 -20.81 -18.32
CA ASP A 411 9.21 -20.83 -18.63
C ASP A 411 8.88 -21.92 -19.67
N ASN A 412 7.60 -22.27 -19.79
CA ASN A 412 7.15 -23.25 -20.78
C ASN A 412 6.61 -22.59 -22.03
N GLY A 413 6.84 -21.30 -22.26
CA GLY A 413 6.34 -20.58 -23.41
C GLY A 413 4.86 -20.21 -23.30
N SER A 414 4.25 -20.47 -22.12
CA SER A 414 2.85 -20.22 -21.86
C SER A 414 2.68 -19.58 -20.50
N ASN A 415 2.20 -20.24 -19.48
CA ASN A 415 1.90 -19.71 -18.18
C ASN A 415 2.50 -20.51 -17.03
N GLN A 416 3.56 -21.28 -17.34
CA GLN A 416 4.35 -21.95 -16.31
C GLN A 416 5.69 -21.28 -16.26
N VAL A 417 6.08 -20.73 -15.10
CA VAL A 417 7.30 -19.97 -14.98
C VAL A 417 7.97 -20.31 -13.63
N ALA A 418 9.25 -20.00 -13.57
CA ALA A 418 9.98 -20.17 -12.33
C ALA A 418 11.18 -19.25 -12.32
N PHE A 419 11.64 -18.82 -11.14
CA PHE A 419 12.87 -18.12 -11.04
C PHE A 419 13.36 -18.20 -9.59
N GLY A 420 14.63 -17.82 -9.45
CA GLY A 420 15.21 -17.78 -8.13
C GLY A 420 15.83 -16.42 -7.77
N ARG A 421 16.31 -16.39 -6.57
CA ARG A 421 17.01 -15.23 -5.99
C ARG A 421 18.35 -15.75 -5.49
N GLY A 422 19.37 -15.51 -6.33
CA GLY A 422 20.70 -16.06 -6.07
C GLY A 422 20.65 -17.52 -5.65
N ASN A 423 21.32 -17.84 -4.55
CA ASN A 423 21.33 -19.20 -4.00
C ASN A 423 20.44 -19.29 -2.76
N ARG A 424 19.48 -18.37 -2.59
CA ARG A 424 18.74 -18.37 -1.34
C ARG A 424 17.24 -18.61 -1.48
N GLY A 425 16.67 -18.60 -2.65
CA GLY A 425 15.24 -18.92 -2.82
C GLY A 425 14.88 -19.22 -4.25
N PHE A 426 13.76 -19.92 -4.43
CA PHE A 426 13.27 -20.30 -5.70
C PHE A 426 11.75 -20.42 -5.63
N ILE A 427 11.10 -20.04 -6.71
CA ILE A 427 9.64 -20.08 -6.79
C ILE A 427 9.18 -20.59 -8.15
N VAL A 428 8.07 -21.33 -8.18
CA VAL A 428 7.60 -21.99 -9.39
C VAL A 428 6.09 -21.83 -9.44
N PHE A 429 5.55 -21.44 -10.60
CA PHE A 429 4.15 -21.17 -10.82
C PHE A 429 3.59 -21.98 -11.96
N ASN A 430 2.39 -22.51 -11.78
CA ASN A 430 1.62 -23.10 -12.84
C ASN A 430 0.29 -22.36 -13.00
N ASN A 431 0.23 -21.49 -14.01
CA ASN A 431 -1.01 -20.78 -14.31
C ASN A 431 -1.57 -21.22 -15.65
N ASP A 432 -1.18 -22.39 -16.12
CA ASP A 432 -1.79 -23.00 -17.31
C ASP A 432 -2.88 -23.98 -16.90
N ASP A 433 -3.73 -24.32 -17.88
CA ASP A 433 -4.81 -25.25 -17.65
C ASP A 433 -4.42 -26.71 -17.87
N TRP A 434 -3.19 -27.04 -17.50
CA TRP A 434 -2.69 -28.41 -17.53
C TRP A 434 -1.57 -28.55 -16.53
N GLN A 435 -1.14 -29.78 -16.33
CA GLN A 435 -0.12 -30.14 -15.34
C GLN A 435 1.21 -29.48 -15.59
N LEU A 436 1.88 -29.05 -14.54
N LEU A 436 1.84 -29.07 -14.51
CA LEU A 436 3.31 -28.76 -14.49
CA LEU A 436 3.27 -28.84 -14.51
C LEU A 436 4.02 -29.96 -13.87
C LEU A 436 3.96 -30.05 -13.89
N SER A 437 4.94 -30.55 -14.61
CA SER A 437 5.80 -31.63 -14.09
C SER A 437 7.16 -31.48 -14.75
N SER A 438 8.08 -30.72 -14.16
CA SER A 438 9.36 -30.41 -14.76
C SER A 438 10.46 -30.45 -13.69
N THR A 439 11.66 -30.80 -14.16
CA THR A 439 12.85 -30.77 -13.32
C THR A 439 13.63 -29.50 -13.67
N LEU A 440 13.77 -28.65 -12.69
CA LEU A 440 14.29 -27.29 -12.88
C LEU A 440 15.52 -27.03 -12.02
N GLN A 441 16.40 -26.17 -12.55
CA GLN A 441 17.55 -25.69 -11.82
C GLN A 441 17.10 -24.62 -10.84
N THR A 442 17.26 -24.82 -9.54
CA THR A 442 16.81 -23.91 -8.53
C THR A 442 17.87 -22.90 -8.07
N GLY A 443 19.13 -23.16 -8.37
CA GLY A 443 20.20 -22.36 -7.83
C GLY A 443 20.50 -22.60 -6.38
N LEU A 444 19.79 -23.49 -5.67
CA LEU A 444 19.94 -23.74 -4.25
C LEU A 444 20.85 -24.91 -3.93
N PRO A 445 21.53 -24.87 -2.79
CA PRO A 445 22.26 -26.07 -2.34
C PRO A 445 21.31 -27.25 -2.21
N GLY A 446 21.91 -28.42 -2.47
CA GLY A 446 21.15 -29.66 -2.31
C GLY A 446 20.65 -29.83 -0.91
N GLY A 447 19.48 -30.47 -0.85
CA GLY A 447 18.89 -30.76 0.44
C GLY A 447 17.38 -30.86 0.32
N THR A 448 16.68 -30.98 1.44
CA THR A 448 15.25 -31.08 1.41
C THR A 448 14.66 -29.80 1.97
N TYR A 449 13.74 -29.19 1.21
CA TYR A 449 13.23 -27.88 1.59
C TYR A 449 11.73 -27.95 1.78
N CYS A 450 11.21 -27.27 2.77
CA CYS A 450 9.76 -27.14 2.95
C CYS A 450 9.22 -26.11 1.95
N ASP A 451 8.15 -26.48 1.27
CA ASP A 451 7.38 -25.54 0.44
C ASP A 451 6.60 -24.63 1.39
N VAL A 452 6.92 -23.34 1.39
CA VAL A 452 6.32 -22.45 2.36
C VAL A 452 4.97 -21.96 1.89
N ILE A 453 4.50 -22.36 0.70
CA ILE A 453 3.11 -22.01 0.31
C ILE A 453 2.08 -22.97 0.91
N SER A 454 2.46 -24.27 0.87
CA SER A 454 1.54 -25.28 1.40
C SER A 454 1.75 -25.54 2.88
N GLY A 455 2.86 -25.11 3.47
CA GLY A 455 3.11 -25.45 4.87
C GLY A 455 4.24 -24.63 5.44
N ASP A 456 4.83 -25.18 6.49
CA ASP A 456 5.85 -24.54 7.28
C ASP A 456 6.91 -25.58 7.68
N LYS A 457 8.12 -25.12 7.93
CA LYS A 457 9.11 -25.92 8.64
C LYS A 457 8.81 -25.79 10.13
N VAL A 458 8.57 -26.94 10.71
CA VAL A 458 8.31 -27.04 12.15
C VAL A 458 9.33 -28.05 12.70
N GLY A 459 10.25 -27.47 13.48
CA GLY A 459 11.44 -28.17 13.91
C GLY A 459 12.06 -28.89 12.69
N ASN A 460 12.24 -30.17 12.78
CA ASN A 460 12.76 -31.26 12.03
C ASN A 460 11.94 -31.64 10.83
N SER A 461 10.79 -31.03 10.59
CA SER A 461 9.93 -31.53 9.52
C SER A 461 9.19 -30.40 8.79
N CYS A 462 8.46 -30.79 7.77
CA CYS A 462 7.66 -29.90 6.93
C CYS A 462 6.19 -30.24 7.14
N THR A 463 5.32 -29.25 7.20
CA THR A 463 3.90 -29.61 7.42
C THR A 463 3.14 -29.75 6.12
N GLY A 464 3.77 -29.33 5.03
CA GLY A 464 3.20 -29.47 3.70
C GLY A 464 4.12 -30.21 2.76
N ILE A 465 4.15 -29.75 1.51
CA ILE A 465 4.95 -30.31 0.46
C ILE A 465 6.42 -30.15 0.78
N LYS A 466 7.21 -31.18 0.48
CA LYS A 466 8.67 -31.17 0.55
C LYS A 466 9.28 -31.21 -0.84
N VAL A 467 10.37 -30.46 -1.04
CA VAL A 467 11.09 -30.41 -2.32
C VAL A 467 12.49 -30.94 -2.08
N TYR A 468 12.85 -32.02 -2.78
CA TYR A 468 14.21 -32.56 -2.71
C TYR A 468 15.03 -32.00 -3.85
N VAL A 469 16.03 -31.20 -3.47
CA VAL A 469 16.97 -30.58 -4.40
C VAL A 469 18.24 -31.44 -4.47
N SER A 470 18.60 -31.85 -5.68
CA SER A 470 19.79 -32.65 -5.92
C SER A 470 21.06 -31.86 -5.65
N SER A 471 22.19 -32.58 -5.64
CA SER A 471 23.47 -31.94 -5.41
C SER A 471 23.76 -30.95 -6.50
N ASP A 472 23.30 -31.12 -7.71
CA ASP A 472 23.45 -30.20 -8.80
C ASP A 472 22.43 -29.04 -8.77
N GLY A 473 21.55 -28.95 -7.81
CA GLY A 473 20.64 -27.84 -7.64
C GLY A 473 19.32 -28.00 -8.36
N THR A 474 19.07 -29.18 -8.91
CA THR A 474 17.83 -29.41 -9.63
C THR A 474 16.79 -30.13 -8.74
N ALA A 475 15.53 -29.86 -9.08
CA ALA A 475 14.44 -30.50 -8.39
C ALA A 475 13.21 -30.63 -9.30
N GLN A 476 12.44 -31.67 -9.06
CA GLN A 476 11.16 -31.78 -9.74
C GLN A 476 10.08 -30.98 -9.00
N PHE A 477 9.29 -30.27 -9.78
CA PHE A 477 8.09 -29.58 -9.33
C PHE A 477 6.89 -30.15 -10.08
N SER A 478 5.94 -30.65 -9.31
CA SER A 478 4.72 -31.21 -9.84
C SER A 478 3.53 -30.44 -9.27
N ILE A 479 2.88 -29.66 -10.13
CA ILE A 479 1.78 -28.80 -9.68
C ILE A 479 0.64 -28.96 -10.67
N SER A 480 -0.44 -29.49 -10.15
CA SER A 480 -1.65 -29.63 -10.94
C SER A 480 -2.33 -28.28 -11.15
N ASN A 481 -2.96 -28.12 -12.32
CA ASN A 481 -3.77 -26.93 -12.52
C ASN A 481 -4.98 -26.91 -11.63
N SER A 482 -5.31 -27.99 -10.93
CA SER A 482 -6.45 -27.97 -10.01
C SER A 482 -5.97 -27.74 -8.58
N ALA A 483 -4.67 -27.48 -8.40
CA ALA A 483 -4.18 -27.27 -7.05
C ALA A 483 -4.80 -26.03 -6.41
N GLU A 484 -5.05 -26.11 -5.12
N GLU A 484 -5.10 -26.06 -5.12
CA GLU A 484 -5.57 -24.98 -4.35
CA GLU A 484 -5.65 -24.84 -4.50
C GLU A 484 -4.69 -23.75 -4.52
C GLU A 484 -4.68 -23.69 -4.61
N ASP A 485 -3.39 -23.96 -4.43
CA ASP A 485 -2.42 -22.89 -4.62
C ASP A 485 -1.40 -23.44 -5.63
N PRO A 486 -1.49 -23.05 -6.87
CA PRO A 486 -0.62 -23.63 -7.91
C PRO A 486 0.76 -22.99 -8.02
N PHE A 487 1.42 -22.86 -6.87
CA PHE A 487 2.81 -22.35 -6.88
C PHE A 487 3.52 -22.91 -5.63
N ILE A 488 4.82 -23.07 -5.77
CA ILE A 488 5.66 -23.60 -4.72
C ILE A 488 6.81 -22.64 -4.51
N ALA A 489 7.21 -22.43 -3.28
CA ALA A 489 8.34 -21.53 -2.97
C ALA A 489 9.17 -22.16 -1.86
N ILE A 490 10.49 -22.16 -2.07
CA ILE A 490 11.44 -22.73 -1.10
C ILE A 490 12.54 -21.71 -0.94
N HIS A 491 13.16 -21.65 0.22
CA HIS A 491 14.25 -20.78 0.53
C HIS A 491 15.15 -21.32 1.63
N ALA A 492 16.23 -20.59 1.84
CA ALA A 492 17.32 -21.06 2.67
C ALA A 492 16.92 -21.43 4.07
N GLU A 493 16.04 -20.67 4.65
CA GLU A 493 15.48 -20.90 5.97
C GLU A 493 14.32 -21.90 6.01
N SER A 494 13.92 -22.49 4.87
CA SER A 494 12.94 -23.58 4.90
C SER A 494 13.62 -24.92 4.67
N LYS A 495 14.96 -24.93 4.56
CA LYS A 495 15.70 -26.19 4.40
C LYS A 495 15.71 -26.97 5.70
N LEU A 496 15.50 -28.29 5.61
CA LEU A 496 15.63 -29.16 6.75
C LEU A 496 17.10 -29.41 7.06
#